data_3FPM
#
_entry.id   3FPM
#
_cell.length_a   254.658
_cell.length_b   254.658
_cell.length_c   254.658
_cell.angle_alpha   90.00
_cell.angle_beta   90.00
_cell.angle_gamma   90.00
#
_symmetry.space_group_name_H-M   'F 41 3 2'
#
loop_
_entity.id
_entity.type
_entity.pdbx_description
1 polymer 'MAP kinase-activated protein kinase 2'
2 non-polymer 3-{[(1R)-1-phenylethyl]amino}-4-(pyridin-4-ylamino)cyclobut-3-ene-1,2-dione
#
_entity_poly.entity_id   1
_entity_poly.type   'polypeptide(L)'
_entity_poly.pdbx_seq_one_letter_code
;MQQFPQFHVKSGLQIKKNAIIDDYKVTSQVLGLGINGKVLQIFNKRTQEKFALKMLQDCPKARREVELHWRASQCPHIVR
IVDVYENLYAGRKCLLIVMECLDGGELFSRIQDRGDQAFTEREASEIMKSIGEAIQYLHSINIAHRDVKPENLLYTSKRP
NAILKLTDFGFAKETTSHNSLTTPCYTPYYVAPEVLGPEKYDKSCDMWSLGVIMYILLCGYPPFYSNHGLAISPGMKTRI
RMGQYEFPNPEWSEVSEEVKMLIRNLLKTEPTQRMTITEFMNHPWIMQSTKVPQTPLHTSRVLKEDKERWEDVKEEMTSA
LATMR
;
_entity_poly.pdbx_strand_id   A
#
loop_
_chem_comp.id
_chem_comp.type
_chem_comp.name
_chem_comp.formula
793 non-polymer 3-{[(1R)-1-phenylethyl]amino}-4-(pyridin-4-ylamino)cyclobut-3-ene-1,2-dione 'C17 H15 N3 O2'
#
# COMPACT_ATOMS: atom_id res chain seq x y z
N PRO A 5 -35.74 5.10 -7.74
CA PRO A 5 -34.42 5.57 -8.14
C PRO A 5 -33.42 5.59 -6.97
N GLN A 6 -32.32 4.85 -7.13
CA GLN A 6 -31.23 4.86 -6.14
C GLN A 6 -29.92 5.34 -6.79
N PHE A 7 -29.29 6.31 -6.13
CA PHE A 7 -28.20 7.08 -6.74
C PHE A 7 -27.03 7.27 -5.76
N HIS A 8 -26.10 6.31 -5.76
CA HIS A 8 -24.95 6.33 -4.84
C HIS A 8 -23.92 7.38 -5.24
N VAL A 9 -23.67 8.32 -4.34
CA VAL A 9 -22.71 9.40 -4.58
C VAL A 9 -22.08 9.88 -3.27
N LYS A 10 -20.78 10.16 -3.31
CA LYS A 10 -20.05 10.64 -2.13
C LYS A 10 -19.62 12.10 -2.31
N SER A 11 -19.10 12.70 -1.24
CA SER A 11 -18.69 14.10 -1.24
C SER A 11 -17.39 14.31 -2.01
N GLY A 12 -17.22 15.53 -2.54
CA GLY A 12 -15.98 15.93 -3.17
C GLY A 12 -15.00 16.45 -2.13
N LEU A 13 -13.77 16.74 -2.56
CA LEU A 13 -12.73 17.20 -1.66
C LEU A 13 -12.93 18.65 -1.25
N GLN A 14 -13.24 18.84 0.03
CA GLN A 14 -13.39 20.17 0.63
C GLN A 14 -12.10 20.56 1.35
N ILE A 15 -11.36 21.50 0.75
CA ILE A 15 -10.12 21.98 1.35
C ILE A 15 -10.45 23.13 2.30
N LYS A 16 -10.47 22.82 3.60
CA LYS A 16 -10.79 23.81 4.63
C LYS A 16 -9.68 24.83 4.78
N LYS A 17 -10.06 26.09 4.96
CA LYS A 17 -9.10 27.20 4.99
C LYS A 17 -8.79 27.74 6.39
N ASN A 18 -9.67 27.48 7.35
CA ASN A 18 -9.47 27.90 8.73
C ASN A 18 -8.31 27.14 9.38
N ALA A 19 -7.78 27.69 10.48
CA ALA A 19 -6.67 27.09 11.19
C ALA A 19 -7.04 25.74 11.75
N ILE A 20 -6.14 24.77 11.59
CA ILE A 20 -6.38 23.41 12.07
C ILE A 20 -6.48 23.34 13.60
N ILE A 21 -5.85 24.30 14.27
CA ILE A 21 -5.85 24.37 15.73
C ILE A 21 -7.24 24.61 16.33
N ASP A 22 -8.16 25.12 15.50
CA ASP A 22 -9.56 25.27 15.90
C ASP A 22 -10.23 23.91 16.11
N ASP A 23 -9.94 22.97 15.20
CA ASP A 23 -10.63 21.68 15.17
C ASP A 23 -9.83 20.54 15.80
N TYR A 24 -8.51 20.70 15.87
CA TYR A 24 -7.63 19.63 16.34
C TYR A 24 -6.55 20.12 17.30
N LYS A 25 -6.26 19.30 18.30
CA LYS A 25 -5.12 19.48 19.18
C LYS A 25 -3.91 18.80 18.53
N VAL A 26 -2.85 19.58 18.30
CA VAL A 26 -1.67 19.08 17.60
C VAL A 26 -0.53 18.79 18.58
N THR A 27 -0.10 17.53 18.62
CA THR A 27 0.99 17.12 19.52
C THR A 27 2.36 17.29 18.85
N SER A 28 3.41 17.03 19.63
CA SER A 28 4.77 17.02 19.12
C SER A 28 5.26 15.58 18.93
N GLN A 29 4.33 14.65 18.89
CA GLN A 29 4.64 13.23 18.67
C GLN A 29 4.68 12.90 17.18
N VAL A 30 5.77 12.26 16.75
CA VAL A 30 5.96 11.89 15.35
C VAL A 30 5.53 10.44 15.12
N LEU A 31 4.92 10.20 13.96
CA LEU A 31 4.55 8.86 13.52
C LEU A 31 5.13 8.55 12.15
N GLY A 32 5.76 9.55 11.53
CA GLY A 32 6.35 9.39 10.20
C GLY A 32 7.25 10.54 9.80
N LEU A 33 8.35 10.21 9.15
CA LEU A 33 9.31 11.19 8.67
C LEU A 33 9.67 10.96 7.20
N GLY A 34 9.92 12.05 6.49
CA GLY A 34 10.34 12.01 5.08
C GLY A 34 11.08 13.26 4.69
N ILE A 35 11.46 13.34 3.42
CA ILE A 35 12.14 14.53 2.88
C ILE A 35 11.14 15.66 2.62
N ASN A 36 9.90 15.29 2.35
CA ASN A 36 8.84 16.24 2.00
C ASN A 36 8.10 16.86 3.20
N GLY A 37 8.19 16.19 4.36
CA GLY A 37 7.55 16.70 5.57
C GLY A 37 7.50 15.70 6.72
N LYS A 38 6.57 15.92 7.64
CA LYS A 38 6.43 15.07 8.83
C LYS A 38 5.00 14.55 8.98
N VAL A 39 4.85 13.47 9.74
CA VAL A 39 3.54 12.95 10.11
C VAL A 39 3.40 12.96 11.64
N LEU A 40 2.46 13.75 12.12
CA LEU A 40 2.24 13.93 13.56
C LEU A 40 0.94 13.30 14.02
N GLN A 41 0.85 13.02 15.32
CA GLN A 41 -0.37 12.53 15.93
C GLN A 41 -1.21 13.70 16.42
N ILE A 42 -2.49 13.72 16.05
CA ILE A 42 -3.39 14.79 16.47
C ILE A 42 -4.68 14.24 17.07
N PHE A 43 -5.34 15.07 17.89
CA PHE A 43 -6.60 14.69 18.50
C PHE A 43 -7.73 15.64 18.10
N ASN A 44 -8.88 15.04 17.77
CA ASN A 44 -10.07 15.80 17.45
C ASN A 44 -10.66 16.42 18.71
N LYS A 45 -10.72 17.75 18.74
CA LYS A 45 -11.22 18.49 19.92
C LYS A 45 -12.61 18.06 20.35
N ARG A 46 -13.46 17.78 19.37
CA ARG A 46 -14.86 17.45 19.63
C ARG A 46 -15.02 15.99 20.09
N THR A 47 -14.51 15.05 19.30
CA THR A 47 -14.69 13.62 19.56
C THR A 47 -13.62 13.03 20.46
N GLN A 48 -12.49 13.72 20.55
CA GLN A 48 -11.37 13.36 21.44
C GLN A 48 -10.58 12.12 20.98
N GLU A 49 -10.69 11.77 19.70
CA GLU A 49 -10.05 10.56 19.18
C GLU A 49 -8.79 10.83 18.36
N LYS A 50 -8.00 9.77 18.19
CA LYS A 50 -6.65 9.85 17.60
C LYS A 50 -6.70 10.00 16.07
N PHE A 51 -5.80 10.83 15.54
CA PHE A 51 -5.67 11.02 14.09
C PHE A 51 -4.21 11.25 13.68
N ALA A 52 -3.94 11.08 12.39
CA ALA A 52 -2.62 11.35 11.84
C ALA A 52 -2.64 12.60 10.97
N LEU A 53 -1.59 13.40 11.06
CA LEU A 53 -1.48 14.64 10.31
C LEU A 53 -0.24 14.69 9.42
N LYS A 54 -0.46 14.63 8.11
CA LYS A 54 0.63 14.73 7.14
C LYS A 54 0.73 16.17 6.66
N MET A 55 1.90 16.78 6.88
CA MET A 55 2.16 18.16 6.48
C MET A 55 2.99 18.19 5.21
N LEU A 56 2.48 18.88 4.19
CA LEU A 56 3.20 19.05 2.92
C LEU A 56 3.21 20.51 2.51
N GLN A 57 4.25 20.94 1.82
CA GLN A 57 4.30 22.28 1.24
C GLN A 57 3.32 22.37 0.09
N ASP A 58 2.51 23.43 0.08
CA ASP A 58 1.42 23.54 -0.89
C ASP A 58 1.87 23.91 -2.29
N CYS A 59 2.18 22.88 -3.07
CA CYS A 59 2.48 23.01 -4.50
C CYS A 59 1.42 22.24 -5.29
N PRO A 60 1.14 22.66 -6.54
CA PRO A 60 0.13 22.00 -7.37
C PRO A 60 0.30 20.48 -7.48
N LYS A 61 1.53 19.99 -7.37
CA LYS A 61 1.81 18.56 -7.36
C LYS A 61 1.16 17.86 -6.17
N ALA A 62 1.29 18.47 -4.99
CA ALA A 62 0.72 17.94 -3.76
C ALA A 62 -0.81 17.97 -3.79
N ARG A 63 -1.37 19.10 -4.22
CA ARG A 63 -2.82 19.27 -4.32
C ARG A 63 -3.49 18.18 -5.18
N ARG A 64 -2.77 17.70 -6.19
CA ARG A 64 -3.27 16.62 -7.03
C ARG A 64 -3.13 15.26 -6.34
N GLU A 65 -2.02 15.07 -5.64
CA GLU A 65 -1.76 13.82 -4.89
C GLU A 65 -2.79 13.61 -3.79
N VAL A 66 -3.20 14.71 -3.16
CA VAL A 66 -4.27 14.68 -2.16
C VAL A 66 -5.60 14.31 -2.81
N GLU A 67 -5.88 14.90 -3.96
CA GLU A 67 -7.11 14.60 -4.71
C GLU A 67 -7.21 13.14 -5.08
N LEU A 68 -6.07 12.52 -5.39
CA LEU A 68 -6.02 11.11 -5.76
C LEU A 68 -6.25 10.24 -4.53
N HIS A 69 -5.64 10.62 -3.41
CA HIS A 69 -5.82 9.92 -2.15
C HIS A 69 -7.26 10.03 -1.67
N TRP A 70 -7.81 11.25 -1.72
CA TRP A 70 -9.20 11.49 -1.34
C TRP A 70 -10.14 10.61 -2.15
N ARG A 71 -9.85 10.51 -3.44
CA ARG A 71 -10.62 9.69 -4.37
C ARG A 71 -10.46 8.22 -4.05
N ALA A 72 -9.30 7.86 -3.47
CA ALA A 72 -8.97 6.48 -3.13
C ALA A 72 -9.46 6.05 -1.74
N SER A 73 -9.82 7.04 -0.91
CA SER A 73 -10.15 6.80 0.49
C SER A 73 -11.38 5.91 0.70
N GLN A 74 -12.18 5.73 -0.35
CA GLN A 74 -13.38 4.89 -0.30
C GLN A 74 -13.03 3.39 -0.25
N CYS A 75 -11.75 3.07 -0.38
CA CYS A 75 -11.29 1.70 -0.32
C CYS A 75 -10.85 1.30 1.07
N PRO A 76 -11.47 0.23 1.63
CA PRO A 76 -11.19 -0.30 2.96
C PRO A 76 -9.72 -0.56 3.28
N HIS A 77 -8.90 -0.84 2.27
CA HIS A 77 -7.49 -1.16 2.50
C HIS A 77 -6.54 0.00 2.21
N ILE A 78 -7.11 1.18 1.99
CA ILE A 78 -6.33 2.39 1.83
C ILE A 78 -6.61 3.32 3.01
N VAL A 79 -5.55 3.84 3.62
CA VAL A 79 -5.67 4.80 4.71
C VAL A 79 -6.59 5.94 4.29
N ARG A 80 -7.61 6.21 5.10
CA ARG A 80 -8.67 7.14 4.76
C ARG A 80 -8.33 8.57 5.15
N ILE A 81 -8.54 9.49 4.21
CA ILE A 81 -8.45 10.92 4.48
C ILE A 81 -9.77 11.42 5.06
N VAL A 82 -9.68 12.21 6.11
CA VAL A 82 -10.85 12.73 6.82
C VAL A 82 -11.04 14.22 6.56
N ASP A 83 -9.97 14.99 6.73
CA ASP A 83 -9.99 16.43 6.50
C ASP A 83 -8.72 16.87 5.77
N VAL A 84 -8.84 17.95 5.01
CA VAL A 84 -7.68 18.56 4.36
C VAL A 84 -7.69 20.07 4.58
N TYR A 85 -6.62 20.57 5.19
CA TYR A 85 -6.49 21.98 5.50
C TYR A 85 -5.38 22.65 4.70
N GLU A 86 -5.66 23.86 4.23
CA GLU A 86 -4.63 24.71 3.64
C GLU A 86 -4.40 25.89 4.57
N ASN A 87 -3.25 25.86 5.26
CA ASN A 87 -2.92 26.88 6.25
C ASN A 87 -1.58 27.53 5.97
N LEU A 88 -1.28 28.61 6.71
CA LEU A 88 0.01 29.28 6.63
C LEU A 88 0.92 28.87 7.79
N TYR A 89 1.92 28.06 7.47
CA TYR A 89 2.92 27.62 8.44
C TYR A 89 4.28 28.16 8.01
N ALA A 90 5.05 28.65 8.99
CA ALA A 90 6.23 29.48 8.74
C ALA A 90 5.76 30.69 7.92
N GLY A 91 6.37 30.90 6.75
CA GLY A 91 5.92 31.93 5.83
C GLY A 91 5.22 31.32 4.63
N ARG A 92 5.54 30.06 4.36
CA ARG A 92 5.00 29.34 3.21
C ARG A 92 3.57 28.86 3.42
N LYS A 93 2.87 28.69 2.30
CA LYS A 93 1.56 28.01 2.28
C LYS A 93 1.83 26.52 2.47
N CYS A 94 0.84 25.78 2.99
CA CYS A 94 1.02 24.34 3.17
C CYS A 94 -0.28 23.54 3.30
N LEU A 95 -0.22 22.28 2.87
CA LEU A 95 -1.33 21.35 2.98
C LEU A 95 -1.24 20.49 4.23
N LEU A 96 -2.39 20.30 4.87
CA LEU A 96 -2.47 19.51 6.09
C LEU A 96 -3.51 18.42 5.90
N ILE A 97 -3.03 17.18 5.80
CA ILE A 97 -3.90 16.04 5.53
C ILE A 97 -4.21 15.33 6.83
N VAL A 98 -5.50 15.16 7.11
CA VAL A 98 -5.95 14.46 8.31
C VAL A 98 -6.36 13.04 7.95
N MET A 99 -5.68 12.07 8.56
CA MET A 99 -5.93 10.66 8.27
C MET A 99 -6.20 9.86 9.53
N GLU A 100 -6.80 8.69 9.35
CA GLU A 100 -7.01 7.75 10.45
C GLU A 100 -5.68 7.28 11.01
N CYS A 101 -5.50 7.47 12.31
CA CYS A 101 -4.25 7.11 12.96
C CYS A 101 -4.03 5.60 12.97
N LEU A 102 -3.07 5.15 12.16
CA LEU A 102 -2.71 3.75 12.11
C LEU A 102 -1.52 3.51 13.03
N ASP A 103 -1.80 3.06 14.26
CA ASP A 103 -0.76 2.78 15.25
C ASP A 103 -0.51 1.29 15.43
N GLY A 104 -0.88 0.50 14.42
CA GLY A 104 -0.62 -0.94 14.43
C GLY A 104 0.76 -1.31 13.93
N GLY A 105 1.61 -0.30 13.69
CA GLY A 105 2.99 -0.52 13.24
C GLY A 105 3.12 -1.03 11.82
N GLU A 106 4.35 -1.10 11.33
CA GLU A 106 4.64 -1.61 9.99
C GLU A 106 4.26 -3.09 9.85
N LEU A 107 4.03 -3.53 8.61
CA LEU A 107 3.62 -4.90 8.34
C LEU A 107 4.61 -5.93 8.88
N PHE A 108 5.88 -5.81 8.47
CA PHE A 108 6.90 -6.78 8.85
C PHE A 108 7.28 -6.72 10.33
N SER A 109 7.07 -5.56 10.95
CA SER A 109 7.31 -5.40 12.38
C SER A 109 6.38 -6.29 13.20
N ARG A 110 5.11 -6.32 12.83
CA ARG A 110 4.10 -7.11 13.55
C ARG A 110 4.20 -8.62 13.29
N ILE A 111 4.76 -8.99 12.14
CA ILE A 111 5.06 -10.39 11.84
C ILE A 111 6.25 -10.85 12.69
N GLN A 112 7.18 -9.94 12.90
CA GLN A 112 8.41 -10.19 13.66
C GLN A 112 8.18 -10.08 15.18
N ASP A 113 7.38 -9.09 15.60
CA ASP A 113 7.04 -8.88 17.01
C ASP A 113 5.87 -9.75 17.45
N ARG A 114 5.90 -11.02 17.07
CA ARG A 114 4.87 -11.97 17.43
C ARG A 114 5.29 -12.80 18.63
N GLY A 115 6.60 -12.84 18.89
CA GLY A 115 7.18 -13.83 19.79
C GLY A 115 6.81 -15.18 19.20
N ASP A 116 7.13 -15.33 17.92
CA ASP A 116 6.41 -16.22 17.01
C ASP A 116 6.19 -17.66 17.47
N GLN A 117 4.97 -18.14 17.21
CA GLN A 117 4.61 -19.54 17.32
C GLN A 117 4.60 -20.09 15.90
N ALA A 118 5.54 -19.60 15.08
CA ALA A 118 5.58 -19.76 13.62
C ALA A 118 4.49 -18.92 12.92
N PHE A 119 4.68 -18.72 11.62
CA PHE A 119 3.76 -17.90 10.81
C PHE A 119 3.38 -18.66 9.53
N THR A 120 2.10 -18.94 9.37
CA THR A 120 1.62 -19.86 8.32
C THR A 120 1.64 -19.28 6.90
N GLU A 121 1.63 -20.19 5.93
CA GLU A 121 1.55 -19.86 4.51
C GLU A 121 0.19 -19.21 4.19
N ARG A 122 -0.85 -19.72 4.86
CA ARG A 122 -2.22 -19.24 4.68
C ARG A 122 -2.39 -17.78 5.10
N GLU A 123 -1.81 -17.41 6.23
CA GLU A 123 -1.90 -16.05 6.76
C GLU A 123 -1.20 -15.04 5.87
N ALA A 124 -0.12 -15.47 5.21
CA ALA A 124 0.59 -14.64 4.25
C ALA A 124 -0.26 -14.34 3.00
N SER A 125 -1.08 -15.31 2.62
CA SER A 125 -2.00 -15.17 1.48
C SER A 125 -3.12 -14.17 1.79
N GLU A 126 -3.60 -14.20 3.02
CA GLU A 126 -4.62 -13.25 3.49
C GLU A 126 -4.09 -11.83 3.44
N ILE A 127 -2.82 -11.67 3.85
CA ILE A 127 -2.12 -10.39 3.79
C ILE A 127 -2.00 -9.92 2.34
N MET A 128 -1.62 -10.83 1.45
CA MET A 128 -1.43 -10.50 0.03
C MET A 128 -2.72 -10.08 -0.67
N LYS A 129 -3.81 -10.79 -0.40
CA LYS A 129 -5.11 -10.48 -1.00
C LYS A 129 -5.58 -9.07 -0.62
N SER A 130 -5.36 -8.71 0.63
CA SER A 130 -5.74 -7.38 1.14
C SER A 130 -4.97 -6.26 0.44
N ILE A 131 -3.65 -6.45 0.30
CA ILE A 131 -2.81 -5.52 -0.46
C ILE A 131 -3.20 -5.56 -1.94
N GLY A 132 -3.65 -6.73 -2.39
CA GLY A 132 -4.12 -6.91 -3.76
C GLY A 132 -5.29 -6.02 -4.12
N GLU A 133 -6.38 -6.11 -3.35
CA GLU A 133 -7.58 -5.31 -3.61
C GLU A 133 -7.37 -3.82 -3.35
N ALA A 134 -6.34 -3.49 -2.58
CA ALA A 134 -5.93 -2.11 -2.39
C ALA A 134 -5.37 -1.56 -3.69
N ILE A 135 -4.61 -2.40 -4.39
CA ILE A 135 -4.07 -2.05 -5.70
C ILE A 135 -5.18 -2.14 -6.77
N GLN A 136 -6.03 -3.16 -6.65
CA GLN A 136 -7.13 -3.37 -7.59
C GLN A 136 -8.06 -2.16 -7.66
N TYR A 137 -8.44 -1.63 -6.50
CA TYR A 137 -9.26 -0.44 -6.43
C TYR A 137 -8.56 0.74 -7.12
N LEU A 138 -7.29 0.92 -6.80
CA LEU A 138 -6.49 1.99 -7.38
C LEU A 138 -6.43 1.90 -8.91
N HIS A 139 -6.10 0.72 -9.41
CA HIS A 139 -5.99 0.49 -10.85
C HIS A 139 -7.33 0.64 -11.57
N SER A 140 -8.41 0.22 -10.90
CA SER A 140 -9.75 0.27 -11.48
C SER A 140 -10.24 1.70 -11.70
N ILE A 141 -9.65 2.65 -10.98
CA ILE A 141 -10.00 4.06 -11.13
C ILE A 141 -8.84 4.89 -11.72
N ASN A 142 -7.97 4.20 -12.47
CA ASN A 142 -6.86 4.81 -13.19
C ASN A 142 -5.79 5.48 -12.32
N ILE A 143 -5.49 4.87 -11.17
CA ILE A 143 -4.45 5.39 -10.28
C ILE A 143 -3.38 4.34 -10.03
N ALA A 144 -2.15 4.69 -10.33
CA ALA A 144 -1.00 3.87 -9.98
C ALA A 144 -0.36 4.45 -8.72
N HIS A 145 -0.05 3.58 -7.76
CA HIS A 145 0.49 4.01 -6.48
C HIS A 145 1.98 4.35 -6.58
N ARG A 146 2.72 3.47 -7.25
CA ARG A 146 4.14 3.66 -7.58
C ARG A 146 5.10 3.75 -6.38
N ASP A 147 4.64 3.31 -5.21
CA ASP A 147 5.48 3.35 -4.00
C ASP A 147 5.05 2.30 -2.96
N VAL A 148 4.64 1.14 -3.45
CA VAL A 148 4.19 0.06 -2.58
C VAL A 148 5.39 -0.64 -1.94
N LYS A 149 5.77 -0.18 -0.75
CA LYS A 149 6.90 -0.76 -0.02
C LYS A 149 6.52 -1.15 1.42
N PRO A 150 7.34 -2.01 2.07
CA PRO A 150 7.05 -2.50 3.42
C PRO A 150 6.80 -1.38 4.43
N GLU A 151 7.50 -0.25 4.27
CA GLU A 151 7.34 0.92 5.13
C GLU A 151 5.93 1.50 5.06
N ASN A 152 5.34 1.50 3.86
CA ASN A 152 4.04 2.13 3.62
C ASN A 152 2.84 1.23 3.88
N LEU A 153 3.06 0.05 4.43
CA LEU A 153 1.98 -0.83 4.83
C LEU A 153 1.87 -0.91 6.35
N LEU A 154 0.83 -0.26 6.88
CA LEU A 154 0.63 -0.15 8.32
C LEU A 154 -0.70 -0.74 8.75
N TYR A 155 -0.72 -1.36 9.93
CA TYR A 155 -1.95 -1.90 10.52
C TYR A 155 -2.69 -0.82 11.30
N THR A 156 -4.00 -1.01 11.46
CA THR A 156 -4.83 -0.03 12.18
C THR A 156 -4.46 0.02 13.66
N SER A 157 -4.81 -1.03 14.39
CA SER A 157 -4.56 -1.11 15.82
C SER A 157 -3.59 -2.24 16.16
N LYS A 158 -3.26 -2.39 17.43
CA LYS A 158 -2.39 -3.46 17.90
C LYS A 158 -3.12 -4.80 17.99
N ARG A 159 -4.44 -4.78 17.75
CA ARG A 159 -5.32 -5.94 17.80
C ARG A 159 -4.89 -7.05 16.82
N PRO A 160 -5.20 -8.33 17.15
CA PRO A 160 -5.05 -9.39 16.17
C PRO A 160 -6.18 -9.38 15.11
N ASN A 161 -7.12 -8.45 15.26
CA ASN A 161 -8.22 -8.29 14.31
C ASN A 161 -8.02 -7.06 13.40
N ALA A 162 -6.84 -6.45 13.50
CA ALA A 162 -6.52 -5.21 12.78
C ALA A 162 -6.51 -5.38 11.26
N ILE A 163 -6.80 -4.27 10.57
CA ILE A 163 -6.82 -4.24 9.10
C ILE A 163 -5.51 -3.62 8.57
N LEU A 164 -4.96 -4.23 7.52
CA LEU A 164 -3.77 -3.70 6.87
C LEU A 164 -4.15 -2.67 5.81
N LYS A 165 -3.55 -1.49 5.89
CA LYS A 165 -3.85 -0.39 4.98
C LYS A 165 -2.60 0.21 4.34
N LEU A 166 -2.73 0.58 3.07
CA LEU A 166 -1.63 1.15 2.30
C LEU A 166 -1.61 2.68 2.40
N THR A 167 -0.45 3.23 2.76
CA THR A 167 -0.29 4.67 2.93
C THR A 167 0.61 5.30 1.86
N ASP A 168 0.81 6.62 1.98
CA ASP A 168 1.78 7.37 1.17
C ASP A 168 1.41 7.47 -0.31
N PHE A 169 0.73 8.56 -0.66
CA PHE A 169 0.34 8.82 -2.04
C PHE A 169 1.21 9.91 -2.66
N GLY A 170 2.45 10.01 -2.18
CA GLY A 170 3.39 11.01 -2.65
C GLY A 170 3.98 10.69 -4.01
N PHE A 171 3.65 9.51 -4.54
CA PHE A 171 4.16 9.06 -5.83
C PHE A 171 3.05 8.58 -6.77
N ALA A 172 1.82 8.64 -6.27
CA ALA A 172 0.66 8.21 -7.06
C ALA A 172 0.43 9.13 -8.26
N LYS A 173 0.07 8.53 -9.39
CA LYS A 173 -0.22 9.28 -10.61
C LYS A 173 -1.42 8.71 -11.38
N GLU A 174 -2.11 9.60 -12.09
CA GLU A 174 -3.29 9.25 -12.86
C GLU A 174 -2.85 8.67 -14.22
N THR A 175 -3.30 7.45 -14.50
CA THR A 175 -2.86 6.73 -15.71
C THR A 175 -3.67 7.06 -16.96
N THR A 176 -4.60 8.02 -16.85
CA THR A 176 -5.43 8.42 -17.98
C THR A 176 -5.09 9.82 -18.50
N SER A 177 -5.52 10.11 -19.72
CA SER A 177 -5.28 11.40 -20.37
C SER A 177 -6.16 12.51 -19.80
N THR A 187 -20.97 -0.05 -28.96
CA THR A 187 -20.19 0.90 -29.81
C THR A 187 -19.31 1.80 -28.93
N PRO A 188 -18.00 1.52 -28.87
CA PRO A 188 -17.33 0.32 -29.38
C PRO A 188 -16.99 -0.70 -28.28
N TYR A 189 -17.79 -1.76 -28.18
CA TYR A 189 -17.52 -2.84 -27.22
C TYR A 189 -16.74 -4.01 -27.85
N TYR A 190 -16.32 -3.81 -29.09
CA TYR A 190 -15.57 -4.81 -29.86
C TYR A 190 -14.09 -4.40 -30.01
N VAL A 191 -13.82 -3.12 -29.75
CA VAL A 191 -12.50 -2.52 -29.98
C VAL A 191 -11.45 -2.98 -28.95
N ALA A 192 -10.18 -2.87 -29.33
CA ALA A 192 -9.05 -3.30 -28.51
C ALA A 192 -8.62 -2.20 -27.52
N PRO A 193 -8.10 -2.61 -26.34
CA PRO A 193 -7.66 -1.66 -25.30
C PRO A 193 -6.47 -0.79 -25.71
N GLU A 194 -5.74 -1.21 -26.74
CA GLU A 194 -4.60 -0.45 -27.25
C GLU A 194 -5.08 0.79 -28.00
N VAL A 195 -6.15 0.63 -28.78
CA VAL A 195 -6.74 1.71 -29.57
C VAL A 195 -7.43 2.74 -28.66
N LEU A 196 -7.73 2.33 -27.43
CA LEU A 196 -8.38 3.20 -26.45
C LEU A 196 -7.38 4.07 -25.66
N GLY A 197 -6.65 4.91 -26.37
CA GLY A 197 -5.72 5.86 -25.74
C GLY A 197 -4.41 5.27 -25.26
N PRO A 198 -3.37 6.12 -25.11
CA PRO A 198 -2.03 5.68 -24.71
C PRO A 198 -1.83 5.61 -23.19
N GLU A 199 -0.92 4.73 -22.77
CA GLU A 199 -0.54 4.58 -21.37
C GLU A 199 0.89 4.02 -21.24
N LYS A 200 1.66 4.57 -20.30
CA LYS A 200 3.04 4.13 -20.06
C LYS A 200 3.10 2.89 -19.15
N TYR A 201 4.23 2.69 -18.48
CA TYR A 201 4.45 1.53 -17.60
C TYR A 201 3.51 1.57 -16.37
N ASP A 202 3.82 2.46 -15.43
CA ASP A 202 2.95 2.77 -14.28
C ASP A 202 2.46 1.56 -13.48
N LYS A 203 1.21 1.16 -13.73
CA LYS A 203 0.52 0.11 -12.97
C LYS A 203 1.35 -1.16 -12.78
N SER A 204 2.20 -1.47 -13.75
CA SER A 204 3.05 -2.66 -13.73
C SER A 204 4.06 -2.66 -12.59
N CYS A 205 4.54 -1.47 -12.21
CA CYS A 205 5.54 -1.36 -11.16
C CYS A 205 4.94 -1.62 -9.78
N ASP A 206 3.64 -1.40 -9.64
CA ASP A 206 2.90 -1.77 -8.44
C ASP A 206 2.87 -3.28 -8.29
N MET A 207 2.74 -3.96 -9.43
CA MET A 207 2.72 -5.41 -9.48
C MET A 207 4.06 -6.03 -9.12
N TRP A 208 5.13 -5.36 -9.55
CA TRP A 208 6.49 -5.79 -9.19
C TRP A 208 6.66 -5.72 -7.68
N SER A 209 6.36 -4.55 -7.12
CA SER A 209 6.43 -4.30 -5.69
C SER A 209 5.67 -5.38 -4.93
N LEU A 210 4.49 -5.71 -5.44
CA LEU A 210 3.62 -6.73 -4.87
C LEU A 210 4.33 -8.08 -4.82
N GLY A 211 5.01 -8.42 -5.92
CA GLY A 211 5.80 -9.65 -6.00
C GLY A 211 6.95 -9.68 -5.02
N VAL A 212 7.66 -8.55 -4.93
CA VAL A 212 8.74 -8.38 -3.96
C VAL A 212 8.24 -8.66 -2.54
N ILE A 213 7.12 -8.02 -2.19
CA ILE A 213 6.52 -8.13 -0.85
C ILE A 213 6.18 -9.57 -0.49
N MET A 214 5.62 -10.31 -1.45
CA MET A 214 5.26 -11.70 -1.24
C MET A 214 6.49 -12.57 -0.95
N TYR A 215 7.59 -12.28 -1.63
CA TYR A 215 8.85 -13.01 -1.42
C TYR A 215 9.34 -12.80 0.01
N ILE A 216 9.43 -11.54 0.43
CA ILE A 216 9.87 -11.19 1.78
C ILE A 216 8.91 -11.75 2.83
N LEU A 217 7.63 -11.81 2.48
CA LEU A 217 6.61 -12.37 3.36
C LEU A 217 6.82 -13.85 3.67
N LEU A 218 7.19 -14.62 2.65
CA LEU A 218 7.29 -16.07 2.79
C LEU A 218 8.57 -16.53 3.48
N CYS A 219 9.72 -16.06 3.00
CA CYS A 219 11.01 -16.47 3.55
C CYS A 219 11.49 -15.56 4.67
N GLY A 220 11.60 -14.27 4.38
CA GLY A 220 12.07 -13.29 5.37
C GLY A 220 13.15 -12.35 4.87
N TYR A 221 13.53 -12.49 3.60
CA TYR A 221 14.55 -11.65 2.99
C TYR A 221 14.15 -11.21 1.58
N PRO A 222 14.63 -10.03 1.13
CA PRO A 222 14.38 -9.60 -0.24
C PRO A 222 14.97 -10.57 -1.27
N PRO A 223 14.33 -10.70 -2.45
CA PRO A 223 14.86 -11.58 -3.50
C PRO A 223 16.20 -11.07 -4.05
N PHE A 224 16.47 -9.77 -3.88
CA PHE A 224 17.71 -9.17 -4.32
C PHE A 224 18.37 -8.38 -3.18
N GLY A 235 26.96 -4.74 -7.80
CA GLY A 235 26.03 -4.78 -8.96
C GLY A 235 24.71 -5.47 -8.65
N MET A 236 24.05 -5.02 -7.60
CA MET A 236 22.72 -5.53 -7.22
C MET A 236 21.64 -4.96 -8.12
N LYS A 237 21.89 -3.74 -8.62
CA LYS A 237 21.02 -3.09 -9.60
C LYS A 237 20.96 -3.89 -10.91
N THR A 238 21.94 -4.77 -11.09
CA THR A 238 22.02 -5.64 -12.27
C THR A 238 21.24 -6.94 -12.06
N ARG A 239 21.37 -7.54 -10.86
CA ARG A 239 20.65 -8.77 -10.52
C ARG A 239 19.14 -8.62 -10.59
N ILE A 240 18.66 -7.40 -10.35
CA ILE A 240 17.24 -7.06 -10.51
C ILE A 240 16.89 -6.98 -11.99
N ARG A 241 17.72 -6.29 -12.77
CA ARG A 241 17.52 -6.14 -14.21
C ARG A 241 17.71 -7.46 -14.98
N MET A 242 18.39 -8.41 -14.34
CA MET A 242 18.57 -9.76 -14.88
C MET A 242 17.35 -10.63 -14.61
N GLY A 243 16.72 -10.39 -13.46
CA GLY A 243 15.62 -11.22 -13.00
C GLY A 243 16.13 -12.52 -12.42
N GLN A 244 17.29 -12.46 -11.76
CA GLN A 244 17.88 -13.65 -11.15
C GLN A 244 17.79 -13.65 -9.62
N TYR A 245 17.09 -14.66 -9.12
CA TYR A 245 16.87 -14.86 -7.70
C TYR A 245 16.65 -16.34 -7.43
N GLU A 246 17.31 -16.85 -6.41
CA GLU A 246 17.12 -18.23 -6.01
C GLU A 246 15.88 -18.37 -5.15
N PHE A 247 15.39 -19.60 -5.02
CA PHE A 247 14.44 -19.96 -3.98
C PHE A 247 15.18 -20.90 -3.02
N PRO A 248 16.15 -20.35 -2.25
CA PRO A 248 17.08 -21.23 -1.54
C PRO A 248 16.49 -21.88 -0.29
N ASN A 249 16.85 -23.14 -0.09
CA ASN A 249 16.39 -23.93 1.04
C ASN A 249 17.19 -23.65 2.31
N PRO A 250 16.70 -24.08 3.49
CA PRO A 250 15.48 -24.85 3.74
C PRO A 250 14.23 -24.00 3.97
N GLU A 251 14.21 -22.79 3.44
CA GLU A 251 13.05 -21.92 3.52
C GLU A 251 12.02 -22.25 2.45
N TRP A 252 12.47 -22.26 1.19
CA TRP A 252 11.60 -22.45 0.04
C TRP A 252 11.33 -23.92 -0.30
N SER A 253 11.91 -24.82 0.49
CA SER A 253 11.69 -26.25 0.32
C SER A 253 10.29 -26.69 0.75
N GLU A 254 9.59 -25.83 1.50
CA GLU A 254 8.25 -26.11 1.99
C GLU A 254 7.13 -25.49 1.14
N VAL A 255 7.46 -24.43 0.42
CA VAL A 255 6.49 -23.70 -0.40
C VAL A 255 6.23 -24.45 -1.71
N SER A 256 4.96 -24.50 -2.11
CA SER A 256 4.56 -25.23 -3.32
C SER A 256 5.02 -24.55 -4.61
N GLU A 257 5.00 -25.33 -5.69
CA GLU A 257 5.41 -24.86 -7.02
C GLU A 257 4.49 -23.76 -7.55
N GLU A 258 3.20 -23.89 -7.25
CA GLU A 258 2.18 -22.92 -7.64
C GLU A 258 2.52 -21.51 -7.15
N VAL A 259 2.88 -21.39 -5.87
CA VAL A 259 3.18 -20.10 -5.25
C VAL A 259 4.41 -19.45 -5.87
N LYS A 260 5.46 -20.24 -6.07
CA LYS A 260 6.70 -19.76 -6.68
C LYS A 260 6.48 -19.28 -8.10
N MET A 261 5.61 -19.98 -8.83
CA MET A 261 5.25 -19.63 -10.20
C MET A 261 4.49 -18.30 -10.24
N LEU A 262 3.72 -18.03 -9.19
CA LEU A 262 3.01 -16.75 -9.05
C LEU A 262 4.00 -15.62 -8.81
N ILE A 263 4.94 -15.84 -7.89
CA ILE A 263 6.01 -14.89 -7.62
C ILE A 263 6.81 -14.63 -8.89
N ARG A 264 7.14 -15.71 -9.61
CA ARG A 264 7.83 -15.63 -10.90
C ARG A 264 7.08 -14.76 -11.91
N ASN A 265 5.76 -14.92 -11.95
CA ASN A 265 4.91 -14.11 -12.82
C ASN A 265 4.85 -12.65 -12.39
N LEU A 266 4.97 -12.42 -11.09
CA LEU A 266 4.99 -11.07 -10.54
C LEU A 266 6.39 -10.46 -10.60
N LEU A 267 7.40 -11.31 -10.72
CA LEU A 267 8.77 -10.84 -10.81
C LEU A 267 9.34 -10.98 -12.23
N LYS A 268 8.52 -10.66 -13.22
CA LYS A 268 8.97 -10.61 -14.61
C LYS A 268 9.76 -9.33 -14.84
N THR A 269 10.92 -9.46 -15.48
CA THR A 269 11.78 -8.33 -15.82
C THR A 269 11.03 -7.36 -16.75
N GLU A 270 10.40 -7.92 -17.77
CA GLU A 270 9.65 -7.15 -18.74
C GLU A 270 8.31 -6.72 -18.15
N PRO A 271 8.06 -5.40 -18.08
CA PRO A 271 6.81 -4.86 -17.55
C PRO A 271 5.58 -5.41 -18.27
N THR A 272 5.67 -5.49 -19.60
CA THR A 272 4.57 -5.96 -20.43
C THR A 272 4.31 -7.45 -20.27
N GLN A 273 5.27 -8.17 -19.69
CA GLN A 273 5.10 -9.59 -19.38
C GLN A 273 4.58 -9.83 -17.97
N ARG A 274 4.65 -8.80 -17.13
CA ARG A 274 4.29 -8.94 -15.72
C ARG A 274 2.77 -9.01 -15.54
N MET A 275 2.35 -9.95 -14.71
CA MET A 275 0.94 -10.21 -14.38
C MET A 275 0.16 -8.94 -14.01
N THR A 276 -1.04 -8.81 -14.57
CA THR A 276 -1.94 -7.70 -14.23
C THR A 276 -2.68 -7.97 -12.92
N ILE A 277 -3.11 -6.90 -12.26
CA ILE A 277 -3.79 -6.99 -10.96
C ILE A 277 -5.06 -7.86 -11.03
N THR A 278 -5.77 -7.77 -12.17
CA THR A 278 -6.98 -8.53 -12.39
C THR A 278 -6.68 -10.02 -12.40
N GLU A 279 -5.56 -10.38 -13.02
CA GLU A 279 -5.10 -11.76 -13.08
C GLU A 279 -4.62 -12.23 -11.70
N PHE A 280 -4.00 -11.32 -10.96
CA PHE A 280 -3.49 -11.61 -9.62
C PHE A 280 -4.63 -12.00 -8.66
N MET A 281 -5.68 -11.20 -8.66
CA MET A 281 -6.83 -11.41 -7.77
C MET A 281 -7.63 -12.64 -8.16
N ASN A 282 -7.58 -13.00 -9.44
CA ASN A 282 -8.26 -14.19 -9.94
C ASN A 282 -7.56 -15.50 -9.60
N HIS A 283 -6.25 -15.42 -9.38
CA HIS A 283 -5.42 -16.59 -9.09
C HIS A 283 -5.91 -17.34 -7.84
N PRO A 284 -6.01 -18.68 -7.92
CA PRO A 284 -6.50 -19.57 -6.86
C PRO A 284 -5.92 -19.33 -5.46
N TRP A 285 -4.61 -19.12 -5.37
CA TRP A 285 -3.95 -18.89 -4.07
C TRP A 285 -4.49 -17.63 -3.38
N ILE A 286 -4.76 -16.61 -4.19
CA ILE A 286 -5.27 -15.34 -3.70
C ILE A 286 -6.79 -15.38 -3.48
N MET A 287 -7.51 -15.89 -4.48
CA MET A 287 -8.96 -15.96 -4.43
C MET A 287 -9.45 -16.89 -3.32
N GLN A 288 -8.75 -18.02 -3.17
CA GLN A 288 -9.05 -18.99 -2.11
C GLN A 288 -8.05 -18.84 -0.97
N SER A 289 -8.16 -17.75 -0.23
CA SER A 289 -7.27 -17.46 0.91
C SER A 289 -7.50 -18.44 2.06
N THR A 290 -8.64 -19.12 2.03
CA THR A 290 -9.04 -20.05 3.07
C THR A 290 -9.10 -21.51 2.56
N LYS A 291 -8.16 -21.86 1.67
CA LYS A 291 -8.06 -23.21 1.13
C LYS A 291 -6.60 -23.65 1.01
N VAL A 292 -5.69 -22.69 1.12
CA VAL A 292 -4.25 -22.93 1.09
C VAL A 292 -3.78 -23.62 2.39
N PRO A 293 -2.99 -24.72 2.25
CA PRO A 293 -2.42 -25.43 3.40
C PRO A 293 -1.81 -24.51 4.46
N GLN A 294 -2.01 -24.87 5.73
CA GLN A 294 -1.61 -24.05 6.86
C GLN A 294 -0.19 -24.34 7.33
N THR A 295 0.70 -24.63 6.37
CA THR A 295 2.10 -24.96 6.65
C THR A 295 2.89 -23.76 7.18
N PRO A 296 3.62 -23.95 8.29
CA PRO A 296 4.39 -22.90 8.97
C PRO A 296 5.59 -22.41 8.16
N LEU A 297 5.96 -21.15 8.39
CA LEU A 297 7.10 -20.51 7.73
C LEU A 297 8.12 -20.05 8.77
N HIS A 298 9.35 -19.80 8.33
CA HIS A 298 10.42 -19.35 9.22
C HIS A 298 10.57 -17.83 9.25
N THR A 299 9.66 -17.14 8.57
CA THR A 299 9.72 -15.69 8.34
C THR A 299 10.20 -14.86 9.54
N SER A 300 9.49 -14.99 10.67
CA SER A 300 9.75 -14.17 11.85
C SER A 300 11.19 -14.28 12.36
N ARG A 301 11.71 -15.50 12.41
CA ARG A 301 13.09 -15.76 12.86
C ARG A 301 14.11 -15.05 11.99
N VAL A 302 13.85 -15.02 10.67
CA VAL A 302 14.78 -14.48 9.68
C VAL A 302 14.91 -12.96 9.78
N LEU A 303 13.83 -12.28 10.12
CA LEU A 303 13.82 -10.81 10.21
C LEU A 303 14.68 -10.27 11.35
N LYS A 304 14.83 -11.06 12.41
CA LYS A 304 15.62 -10.66 13.58
C LYS A 304 17.12 -10.84 13.35
N GLU A 305 17.61 -10.30 12.23
CA GLU A 305 19.03 -10.39 11.87
C GLU A 305 19.62 -9.06 11.41
N ASP A 306 19.06 -8.49 10.35
CA ASP A 306 19.60 -7.28 9.74
C ASP A 306 19.37 -6.05 10.62
C1 793 B . 6.94 7.34 5.17
C2 793 B . 5.63 8.09 4.96
C3 793 B . 5.82 9.59 4.77
C4 793 B . 5.66 10.20 3.51
C5 793 B . 5.84 11.58 3.35
C6 793 B . 6.18 12.37 4.45
C11 793 B . 1.40 8.30 5.87
C12 793 B . 2.55 8.50 4.97
C13 793 B . 0.86 7.20 8.83
C14 793 B . -0.43 7.16 8.28
C15 793 B . -1.53 6.94 9.12
C16 793 B . -0.19 6.76 10.97
C17 793 B . 0.97 6.98 10.22
C7 793 B . 6.35 11.79 5.71
C8 793 B . 6.16 10.41 5.87
N1 793 B . 4.71 7.84 6.07
C9 793 B . 3.41 8.00 6.06
C10 793 B . 2.34 7.82 6.90
O1 793 B . 0.23 8.50 5.68
O2 793 B . 2.57 8.91 3.86
N2 793 B . 2.06 7.41 8.12
N3 793 B . -1.43 6.74 10.45
#